data_6T2M
#
_entry.id   6T2M
#
_cell.length_a   66.155
_cell.length_b   66.155
_cell.length_c   265.315
_cell.angle_alpha   90.000
_cell.angle_beta   90.000
_cell.angle_gamma   120.000
#
_symmetry.space_group_name_H-M   'P 65 2 2'
#
loop_
_entity.id
_entity.type
_entity.pdbx_description
1 polymer 'Vitamin D3 receptor A'
2 polymer 'Nuclear receptor coactivator 1'
3 non-polymer 'ethyl (~{Z})-3-[1-[(~{E},1~{R},4~{R})-4-[(1~{R},3~{a}~{S},4~{E},7~{a}~{R})-7~{a}-methyl-4-[(2~{Z})-2-[(3~{S},5~{R})-2-methylidene-3,5-bis(oxidanyl)cyclohexylidene]ethylidene]-2,3,3~{a},5,6,7-hexahydro-1~{H}-inden-1-yl]-1-oxidanyl-pent-2-enyl]cyclopropyl]prop-2-enoate'
4 water water
#
loop_
_entity_poly.entity_id
_entity_poly.type
_entity_poly.pdbx_seq_one_letter_code
_entity_poly.pdbx_strand_id
1 'polypeptide(L)'
;GSHMLSDEQMQIINSLVEAHHKTYDDSYSDFVRFRPPVREGPVTRSASRAASLHSLSDASSDSFNHSPESVDTKLNFSNL
LMMYQDSGSPDSSEEDQQSRLSMLPHLADLVSYSIQKVIGFAKMIPGFRDLTAEDQIALLKSSAIEIIMLRSNQSFSLED
MSWSCGGPDFKYCINDVTKAGHTLELLEPLVKFQVGLKKLKLHEEEHVLLMAICLLSPDRPGVQDHVRIEALQDRLCDVL
QAYIRIQHPGGRLLYAKMIQKLADLRSLNEEHSKQYRSLSFQPEHSMQLTPLVLEVFGSEVS
;
A
2 'polypeptide(L)' RHKILHRLLQEGSPS B
#
loop_
_chem_comp.id
_chem_comp.type
_chem_comp.name
_chem_comp.formula
M9Q non-polymer 'ethyl (~{Z})-3-[1-[(~{E},1~{R},4~{R})-4-[(1~{R},3~{a}~{S},4~{E},7~{a}~{R})-7~{a}-methyl-4-[(2~{Z})-2-[(3~{S},5~{R})-2-methylidene-3,5-bis(oxidanyl)cyclohexylidene]ethylidene]-2,3,3~{a},5,6,7-hexahydro-1~{H}-inden-1-yl]-1-oxidanyl-pent-2-enyl]cyclopropyl]prop-2-enoate' 'C32 H46 O5'
#
# COMPACT_ATOMS: atom_id res chain seq x y z
N HIS A 3 29.53 -10.15 6.76
CA HIS A 3 28.15 -10.58 6.70
C HIS A 3 27.19 -9.50 7.23
N MET A 4 27.54 -8.95 8.39
CA MET A 4 26.63 -8.05 9.10
C MET A 4 26.41 -6.76 8.34
N LEU A 5 25.45 -5.97 8.84
CA LEU A 5 25.06 -4.71 8.23
C LEU A 5 25.95 -3.56 8.72
N SER A 6 25.82 -2.42 8.05
CA SER A 6 26.57 -1.22 8.40
C SER A 6 25.71 -0.30 9.27
N ASP A 7 26.35 0.75 9.78
CA ASP A 7 25.64 1.70 10.62
C ASP A 7 24.61 2.50 9.84
N GLU A 8 24.91 2.81 8.58
CA GLU A 8 23.95 3.58 7.78
C GLU A 8 22.81 2.71 7.26
N GLN A 9 23.06 1.41 7.06
CA GLN A 9 21.98 0.52 6.63
C GLN A 9 21.03 0.20 7.76
N MET A 10 21.52 0.11 9.00
CA MET A 10 20.63 -0.16 10.12
C MET A 10 19.84 1.07 10.51
N GLN A 11 20.39 2.28 10.27
CA GLN A 11 19.63 3.50 10.54
C GLN A 11 18.48 3.66 9.56
N ILE A 12 18.61 3.13 8.35
CA ILE A 12 17.47 3.09 7.43
C ILE A 12 16.38 2.20 7.98
N ILE A 13 16.77 1.10 8.65
CA ILE A 13 15.79 0.21 9.26
C ILE A 13 15.14 0.89 10.46
N ASN A 14 15.93 1.61 11.26
CA ASN A 14 15.37 2.30 12.43
C ASN A 14 14.41 3.41 12.02
N SER A 15 14.58 3.98 10.82
CA SER A 15 13.69 5.04 10.37
C SER A 15 12.42 4.51 9.74
N LEU A 16 12.50 3.36 9.04
CA LEU A 16 11.31 2.81 8.40
C LEU A 16 10.37 2.18 9.43
N VAL A 17 10.91 1.42 10.37
CA VAL A 17 10.06 0.77 11.38
C VAL A 17 9.37 1.82 12.25
N GLU A 18 10.10 2.88 12.62
CA GLU A 18 9.50 3.96 13.39
C GLU A 18 8.42 4.68 12.59
N ALA A 19 8.65 4.87 11.28
CA ALA A 19 7.65 5.53 10.45
C ALA A 19 6.40 4.68 10.31
N HIS A 20 6.55 3.36 10.24
CA HIS A 20 5.39 2.49 10.12
C HIS A 20 4.58 2.48 11.41
N HIS A 21 5.26 2.48 12.57
CA HIS A 21 4.56 2.54 13.84
C HIS A 21 3.82 3.86 14.02
N LYS A 22 4.33 4.94 13.43
CA LYS A 22 3.72 6.25 13.56
C LYS A 22 2.54 6.43 12.61
N THR A 23 2.42 5.58 11.59
CA THR A 23 1.37 5.71 10.58
C THR A 23 0.48 4.48 10.49
N TYR A 24 0.52 3.60 11.49
CA TYR A 24 -0.35 2.43 11.53
C TYR A 24 -0.84 2.22 12.94
N ASP A 25 -2.14 1.91 13.08
CA ASP A 25 -2.77 1.68 14.36
C ASP A 25 -3.27 0.24 14.39
N ASP A 26 -2.66 -0.58 15.24
CA ASP A 26 -3.06 -1.98 15.36
C ASP A 26 -4.42 -2.16 16.02
N SER A 27 -4.97 -1.12 16.64
CA SER A 27 -6.31 -1.19 17.24
C SER A 27 -7.41 -0.72 16.31
N TYR A 28 -7.07 0.05 15.26
CA TYR A 28 -8.03 0.53 14.27
C TYR A 28 -9.14 1.35 14.94
N SER A 29 -8.72 2.27 15.81
CA SER A 29 -9.68 3.09 16.55
C SER A 29 -10.29 4.18 15.69
N ASP A 30 -9.55 4.69 14.70
CA ASP A 30 -10.06 5.74 13.83
C ASP A 30 -11.13 5.24 12.87
N PHE A 31 -11.41 3.94 12.85
CA PHE A 31 -12.39 3.39 11.92
C PHE A 31 -13.81 3.83 12.24
N VAL A 32 -14.08 4.24 13.48
CA VAL A 32 -15.42 4.70 13.82
C VAL A 32 -15.71 6.07 13.21
N ARG A 33 -14.68 6.82 12.84
CA ARG A 33 -14.88 8.12 12.21
C ARG A 33 -15.28 8.03 10.75
N PHE A 34 -15.21 6.85 10.15
CA PHE A 34 -15.62 6.67 8.77
C PHE A 34 -17.15 6.60 8.67
N ARG A 35 -17.64 6.64 7.43
CA ARG A 35 -19.05 6.35 7.21
C ARG A 35 -19.33 4.89 7.53
N PRO A 36 -20.47 4.59 8.17
CA PRO A 36 -20.67 3.24 8.69
C PRO A 36 -20.80 2.24 7.57
N PRO A 37 -20.36 1.00 7.78
CA PRO A 37 -20.54 -0.05 6.76
C PRO A 37 -21.98 -0.53 6.72
N VAL A 38 -22.46 -0.81 5.51
CA VAL A 38 -23.83 -1.25 5.28
C VAL A 38 -23.78 -2.59 4.57
N ARG A 39 -24.41 -3.60 5.18
CA ARG A 39 -24.52 -4.92 4.54
C ARG A 39 -25.91 -5.11 3.94
N ARG A 100 -27.67 -0.78 -3.85
CA ARG A 100 -26.56 -0.84 -4.79
C ARG A 100 -25.31 -0.16 -4.21
N LEU A 101 -24.23 -0.94 -4.07
CA LEU A 101 -22.94 -0.45 -3.58
C LEU A 101 -23.07 0.13 -2.18
N SER A 102 -23.50 -0.71 -1.24
CA SER A 102 -23.73 -0.25 0.12
C SER A 102 -22.43 -0.05 0.88
N MET A 103 -21.42 -0.88 0.62
CA MET A 103 -20.13 -0.78 1.30
C MET A 103 -19.21 0.26 0.68
N LEU A 104 -19.63 0.93 -0.40
CA LEU A 104 -18.76 1.90 -1.05
C LEU A 104 -18.40 3.09 -0.17
N PRO A 105 -19.32 3.73 0.58
CA PRO A 105 -18.90 4.87 1.41
C PRO A 105 -17.90 4.49 2.49
N HIS A 106 -18.09 3.36 3.15
CA HIS A 106 -17.18 2.97 4.22
C HIS A 106 -15.80 2.63 3.67
N LEU A 107 -15.73 1.89 2.56
CA LEU A 107 -14.44 1.53 2.00
C LEU A 107 -13.74 2.72 1.37
N ALA A 108 -14.51 3.70 0.85
CA ALA A 108 -13.90 4.89 0.29
C ALA A 108 -13.22 5.71 1.38
N ASP A 109 -13.83 5.79 2.57
CA ASP A 109 -13.18 6.46 3.69
C ASP A 109 -12.01 5.63 4.23
N LEU A 110 -12.12 4.30 4.15
CA LEU A 110 -11.04 3.44 4.63
C LEU A 110 -9.77 3.62 3.79
N VAL A 111 -9.93 3.75 2.47
CA VAL A 111 -8.77 3.90 1.60
C VAL A 111 -8.24 5.33 1.67
N SER A 112 -9.13 6.32 1.72
CA SER A 112 -8.70 7.70 1.85
C SER A 112 -7.92 7.91 3.14
N TYR A 113 -8.35 7.26 4.22
CA TYR A 113 -7.58 7.31 5.47
C TYR A 113 -6.23 6.62 5.31
N SER A 114 -6.19 5.52 4.55
CA SER A 114 -4.94 4.82 4.35
C SER A 114 -3.98 5.64 3.49
N ILE A 115 -4.51 6.35 2.49
CA ILE A 115 -3.66 7.18 1.63
C ILE A 115 -2.95 8.25 2.45
N GLN A 116 -3.66 8.85 3.42
CA GLN A 116 -3.03 9.85 4.27
C GLN A 116 -1.89 9.26 5.08
N LYS A 117 -2.04 7.99 5.50
CA LYS A 117 -0.97 7.34 6.26
C LYS A 117 0.18 6.89 5.38
N VAL A 118 -0.12 6.51 4.13
CA VAL A 118 0.95 6.14 3.20
C VAL A 118 1.80 7.37 2.88
N ILE A 119 1.18 8.54 2.73
CA ILE A 119 1.94 9.76 2.48
C ILE A 119 2.80 10.11 3.68
N GLY A 120 2.26 9.91 4.90
CA GLY A 120 3.08 10.14 6.08
C GLY A 120 4.25 9.18 6.18
N PHE A 121 4.04 7.93 5.79
CA PHE A 121 5.13 6.97 5.77
C PHE A 121 6.13 7.27 4.67
N ALA A 122 5.67 7.79 3.54
CA ALA A 122 6.57 8.12 2.45
C ALA A 122 7.48 9.29 2.82
N LYS A 123 6.96 10.29 3.50
CA LYS A 123 7.75 11.47 3.86
C LYS A 123 8.87 11.14 4.82
N MET A 124 8.81 10.01 5.50
CA MET A 124 9.86 9.59 6.43
C MET A 124 10.79 8.53 5.85
N ILE A 125 10.61 8.17 4.58
CA ILE A 125 11.57 7.29 3.91
C ILE A 125 12.83 8.09 3.58
N PRO A 126 14.01 7.62 3.98
CA PRO A 126 15.24 8.38 3.72
C PRO A 126 15.52 8.50 2.23
N GLY A 127 15.62 9.74 1.75
CA GLY A 127 15.85 10.02 0.35
C GLY A 127 14.62 10.39 -0.43
N PHE A 128 13.43 10.05 0.08
CA PHE A 128 12.19 10.37 -0.63
C PHE A 128 11.89 11.87 -0.59
N ARG A 129 12.25 12.54 0.51
CA ARG A 129 11.92 13.96 0.65
C ARG A 129 12.82 14.85 -0.20
N ASP A 130 14.00 14.38 -0.58
CA ASP A 130 14.89 15.16 -1.44
C ASP A 130 14.50 15.11 -2.90
N LEU A 131 13.55 14.25 -3.28
CA LEU A 131 13.07 14.21 -4.65
C LEU A 131 12.22 15.44 -4.95
N THR A 132 11.99 15.68 -6.24
CA THR A 132 11.13 16.77 -6.65
C THR A 132 9.68 16.46 -6.28
N ALA A 133 8.90 17.53 -6.06
CA ALA A 133 7.51 17.35 -5.67
C ALA A 133 6.70 16.63 -6.75
N GLU A 134 7.14 16.68 -8.00
CA GLU A 134 6.42 15.99 -9.07
C GLU A 134 6.70 14.49 -9.06
N ASP A 135 7.95 14.10 -8.77
CA ASP A 135 8.26 12.68 -8.67
C ASP A 135 7.59 12.04 -7.47
N GLN A 136 7.46 12.80 -6.37
CA GLN A 136 6.77 12.28 -5.19
C GLN A 136 5.31 12.00 -5.48
N ILE A 137 4.69 12.79 -6.36
CA ILE A 137 3.30 12.56 -6.73
C ILE A 137 3.17 11.39 -7.69
N ALA A 138 4.04 11.32 -8.70
CA ALA A 138 3.97 10.23 -9.66
C ALA A 138 4.24 8.88 -9.00
N LEU A 139 5.13 8.86 -8.00
CA LEU A 139 5.41 7.61 -7.28
C LEU A 139 4.25 7.24 -6.37
N LEU A 140 3.62 8.23 -5.74
CA LEU A 140 2.53 7.94 -4.81
C LEU A 140 1.25 7.53 -5.54
N LYS A 141 0.94 8.21 -6.65
CA LYS A 141 -0.30 7.93 -7.36
C LYS A 141 -0.31 6.53 -7.94
N SER A 142 0.79 6.12 -8.59
CA SER A 142 0.83 4.84 -9.28
C SER A 142 1.04 3.66 -8.34
N SER A 143 1.48 3.89 -7.11
CA SER A 143 1.74 2.82 -6.17
C SER A 143 0.85 2.86 -4.94
N ALA A 144 -0.11 3.77 -4.87
CA ALA A 144 -0.92 3.91 -3.66
C ALA A 144 -1.70 2.63 -3.36
N ILE A 145 -2.39 2.09 -4.36
CA ILE A 145 -3.19 0.90 -4.13
C ILE A 145 -2.31 -0.31 -3.82
N GLU A 146 -1.08 -0.31 -4.32
CA GLU A 146 -0.17 -1.42 -4.03
C GLU A 146 0.33 -1.34 -2.59
N ILE A 147 0.74 -0.15 -2.14
CA ILE A 147 1.19 0.01 -0.77
C ILE A 147 0.05 -0.31 0.20
N ILE A 148 -1.18 0.07 -0.16
CA ILE A 148 -2.32 -0.20 0.69
C ILE A 148 -2.57 -1.70 0.81
N MET A 149 -2.45 -2.42 -0.32
CA MET A 149 -2.62 -3.87 -0.28
C MET A 149 -1.52 -4.55 0.52
N LEU A 150 -0.34 -3.92 0.62
CA LEU A 150 0.73 -4.49 1.43
C LEU A 150 0.43 -4.33 2.91
N ARG A 151 0.14 -3.12 3.36
CA ARG A 151 -0.15 -2.89 4.77
C ARG A 151 -1.46 -3.53 5.21
N SER A 152 -2.36 -3.82 4.27
CA SER A 152 -3.62 -4.48 4.62
C SER A 152 -3.41 -5.91 5.09
N ASN A 153 -2.27 -6.51 4.74
CA ASN A 153 -1.97 -7.87 5.21
C ASN A 153 -1.78 -7.94 6.72
N GLN A 154 -1.46 -6.81 7.36
CA GLN A 154 -1.30 -6.79 8.81
C GLN A 154 -2.60 -7.07 9.54
N SER A 155 -3.74 -6.82 8.89
CA SER A 155 -5.05 -7.13 9.46
C SER A 155 -5.66 -8.40 8.90
N PHE A 156 -5.13 -8.92 7.80
CA PHE A 156 -5.66 -10.14 7.20
C PHE A 156 -5.41 -11.33 8.11
N SER A 157 -6.36 -12.26 8.11
CA SER A 157 -6.29 -13.47 8.93
C SER A 157 -6.61 -14.68 8.06
N LEU A 158 -5.76 -15.70 8.14
CA LEU A 158 -5.96 -16.94 7.40
C LEU A 158 -7.08 -17.80 7.96
N GLU A 159 -7.53 -17.54 9.18
CA GLU A 159 -8.58 -18.36 9.77
C GLU A 159 -9.93 -18.11 9.10
N ASP A 160 -10.29 -16.84 8.92
CA ASP A 160 -11.56 -16.48 8.29
C ASP A 160 -11.40 -15.98 6.87
N MET A 161 -10.16 -15.86 6.38
CA MET A 161 -9.89 -15.42 5.00
C MET A 161 -10.49 -14.04 4.74
N SER A 162 -10.29 -13.12 5.68
CA SER A 162 -10.85 -11.79 5.58
C SER A 162 -10.03 -10.84 6.45
N TRP A 163 -10.20 -9.54 6.19
CA TRP A 163 -9.54 -8.52 6.98
C TRP A 163 -10.33 -8.28 8.26
N SER A 164 -9.67 -8.43 9.41
CA SER A 164 -10.30 -8.26 10.71
C SER A 164 -9.75 -6.99 11.35
N CYS A 165 -10.62 -5.98 11.52
CA CYS A 165 -10.24 -4.73 12.15
C CYS A 165 -11.09 -4.37 13.36
N GLY A 166 -12.12 -5.15 13.66
CA GLY A 166 -12.96 -4.91 14.82
C GLY A 166 -13.91 -6.06 15.07
N GLY A 167 -15.15 -5.75 15.40
CA GLY A 167 -16.17 -6.76 15.58
C GLY A 167 -16.69 -7.26 14.24
N PRO A 168 -18.00 -7.51 14.17
CA PRO A 168 -18.59 -7.91 12.89
C PRO A 168 -18.70 -6.77 11.89
N ASP A 169 -18.57 -5.53 12.33
CA ASP A 169 -18.70 -4.39 11.42
C ASP A 169 -17.42 -4.19 10.61
N PHE A 170 -16.26 -4.20 11.27
CA PHE A 170 -14.98 -3.96 10.61
C PHE A 170 -14.32 -5.25 10.12
N LYS A 171 -15.07 -6.33 9.97
CA LYS A 171 -14.57 -7.58 9.42
C LYS A 171 -14.98 -7.63 7.96
N TYR A 172 -14.06 -7.29 7.07
CA TYR A 172 -14.35 -7.15 5.64
C TYR A 172 -14.15 -8.50 4.97
N CYS A 173 -15.26 -9.20 4.72
CA CYS A 173 -15.22 -10.47 4.01
C CYS A 173 -15.08 -10.22 2.50
N ILE A 174 -15.03 -11.32 1.74
CA ILE A 174 -14.96 -11.20 0.29
C ILE A 174 -16.27 -10.67 -0.27
N ASN A 175 -17.40 -11.03 0.33
CA ASN A 175 -18.69 -10.56 -0.15
C ASN A 175 -18.90 -9.08 0.15
N ASP A 176 -18.24 -8.55 1.19
CA ASP A 176 -18.40 -7.15 1.53
C ASP A 176 -17.79 -6.25 0.47
N VAL A 177 -16.64 -6.66 -0.09
CA VAL A 177 -16.01 -5.85 -1.13
C VAL A 177 -16.82 -5.90 -2.42
N THR A 178 -17.55 -6.99 -2.64
CA THR A 178 -18.47 -7.04 -3.76
C THR A 178 -19.55 -5.95 -3.66
N LYS A 179 -19.88 -5.53 -2.43
CA LYS A 179 -20.88 -4.49 -2.23
C LYS A 179 -20.24 -3.12 -2.42
N ALA A 180 -19.12 -3.07 -3.12
CA ALA A 180 -18.48 -1.84 -3.50
C ALA A 180 -18.28 -1.71 -5.00
N GLY A 181 -18.72 -2.70 -5.78
CA GLY A 181 -18.62 -2.67 -7.22
C GLY A 181 -17.51 -3.50 -7.82
N HIS A 182 -16.82 -4.30 -7.01
CA HIS A 182 -15.68 -5.07 -7.47
C HIS A 182 -16.11 -6.50 -7.80
N THR A 183 -15.73 -6.96 -9.00
CA THR A 183 -15.98 -8.31 -9.42
C THR A 183 -14.91 -9.26 -8.86
N LEU A 184 -15.14 -10.56 -9.01
CA LEU A 184 -14.20 -11.56 -8.55
C LEU A 184 -12.95 -11.64 -9.41
N GLU A 185 -12.91 -10.93 -10.54
CA GLU A 185 -11.70 -10.89 -11.36
C GLU A 185 -10.54 -10.21 -10.63
N LEU A 186 -10.83 -9.34 -9.67
CA LEU A 186 -9.81 -8.72 -8.85
C LEU A 186 -9.74 -9.31 -7.44
N LEU A 187 -10.89 -9.70 -6.87
CA LEU A 187 -10.90 -10.22 -5.52
C LEU A 187 -10.25 -11.59 -5.41
N GLU A 188 -10.37 -12.42 -6.45
CA GLU A 188 -9.78 -13.76 -6.39
C GLU A 188 -8.26 -13.71 -6.34
N PRO A 189 -7.55 -12.95 -7.19
CA PRO A 189 -6.09 -12.86 -7.03
C PRO A 189 -5.68 -12.06 -5.81
N LEU A 190 -6.52 -11.15 -5.31
CA LEU A 190 -6.15 -10.33 -4.17
C LEU A 190 -6.08 -11.17 -2.89
N VAL A 191 -7.11 -11.99 -2.64
CA VAL A 191 -7.07 -12.88 -1.49
C VAL A 191 -5.98 -13.92 -1.66
N LYS A 192 -5.72 -14.35 -2.90
CA LYS A 192 -4.60 -15.24 -3.15
C LYS A 192 -3.27 -14.56 -2.85
N PHE A 193 -3.19 -13.24 -3.05
CA PHE A 193 -1.98 -12.51 -2.72
C PHE A 193 -1.80 -12.39 -1.21
N GLN A 194 -2.89 -12.16 -0.48
CA GLN A 194 -2.80 -12.04 0.98
C GLN A 194 -2.38 -13.36 1.63
N VAL A 195 -2.81 -14.49 1.08
CA VAL A 195 -2.44 -15.78 1.65
C VAL A 195 -0.95 -16.04 1.42
N GLY A 196 -0.48 -15.84 0.18
CA GLY A 196 0.92 -16.05 -0.10
C GLY A 196 1.84 -15.12 0.66
N LEU A 197 1.39 -13.89 0.91
CA LEU A 197 2.18 -12.95 1.69
C LEU A 197 2.15 -13.30 3.18
N LYS A 198 1.00 -13.76 3.67
CA LYS A 198 0.89 -14.14 5.08
C LYS A 198 1.71 -15.38 5.39
N LYS A 199 1.88 -16.27 4.40
CA LYS A 199 2.66 -17.48 4.64
C LYS A 199 4.15 -17.18 4.79
N LEU A 200 4.62 -16.08 4.21
CA LEU A 200 6.03 -15.72 4.31
C LEU A 200 6.45 -15.39 5.74
N LYS A 201 5.49 -15.02 6.59
CA LYS A 201 5.77 -14.66 7.98
C LYS A 201 6.88 -13.60 8.05
N LEU A 202 6.72 -12.55 7.27
CA LEU A 202 7.75 -11.51 7.19
C LEU A 202 7.90 -10.80 8.53
N HIS A 203 9.15 -10.54 8.90
CA HIS A 203 9.42 -9.75 10.08
C HIS A 203 8.95 -8.31 9.87
N GLU A 204 8.86 -7.56 10.96
CA GLU A 204 8.44 -6.17 10.87
C GLU A 204 9.42 -5.34 10.05
N GLU A 205 10.71 -5.69 10.10
CA GLU A 205 11.70 -5.00 9.28
C GLU A 205 11.55 -5.36 7.82
N GLU A 206 11.24 -6.63 7.52
CA GLU A 206 11.08 -7.05 6.14
C GLU A 206 9.79 -6.50 5.54
N HIS A 207 8.72 -6.44 6.33
CA HIS A 207 7.45 -5.96 5.81
C HIS A 207 7.51 -4.46 5.50
N VAL A 208 8.21 -3.69 6.33
CA VAL A 208 8.32 -2.25 6.08
C VAL A 208 9.30 -1.98 4.94
N LEU A 209 10.26 -2.87 4.73
CA LEU A 209 11.20 -2.71 3.61
C LEU A 209 10.51 -3.00 2.28
N LEU A 210 9.60 -3.98 2.26
CA LEU A 210 8.90 -4.31 1.01
C LEU A 210 8.04 -3.15 0.54
N MET A 211 7.45 -2.41 1.48
CA MET A 211 6.62 -1.27 1.10
C MET A 211 7.47 -0.12 0.58
N ALA A 212 8.65 0.10 1.17
CA ALA A 212 9.53 1.16 0.70
C ALA A 212 10.10 0.83 -0.68
N ILE A 213 10.38 -0.45 -0.93
CA ILE A 213 10.87 -0.85 -2.24
C ILE A 213 9.76 -0.74 -3.28
N CYS A 214 8.55 -1.15 -2.92
CA CYS A 214 7.41 -1.02 -3.84
C CYS A 214 7.10 0.44 -4.15
N LEU A 215 7.31 1.33 -3.18
CA LEU A 215 7.01 2.74 -3.38
C LEU A 215 8.05 3.44 -4.24
N LEU A 216 9.33 3.06 -4.11
CA LEU A 216 10.41 3.67 -4.87
C LEU A 216 10.69 2.97 -6.19
N SER A 217 9.65 2.46 -6.85
CA SER A 217 9.84 1.76 -8.11
C SER A 217 10.07 2.76 -9.24
N PRO A 218 11.09 2.57 -10.07
CA PRO A 218 11.30 3.49 -11.18
C PRO A 218 10.31 3.32 -12.32
N ASP A 219 9.76 2.11 -12.48
CA ASP A 219 8.84 1.82 -13.59
C ASP A 219 7.41 2.25 -13.24
N ARG A 220 7.26 3.55 -12.99
CA ARG A 220 5.97 4.15 -12.72
C ARG A 220 5.66 5.18 -13.79
N PRO A 221 4.45 5.17 -14.36
CA PRO A 221 4.11 6.16 -15.40
C PRO A 221 4.03 7.56 -14.81
N GLY A 222 4.92 8.44 -15.25
CA GLY A 222 4.96 9.82 -14.80
C GLY A 222 6.26 10.23 -14.13
N VAL A 223 7.17 9.30 -13.86
CA VAL A 223 8.43 9.66 -13.21
C VAL A 223 9.33 10.39 -14.20
N GLN A 224 10.15 11.30 -13.68
CA GLN A 224 11.08 12.07 -14.50
C GLN A 224 12.52 11.69 -14.21
N ASP A 225 12.99 11.91 -12.98
CA ASP A 225 14.35 11.53 -12.60
C ASP A 225 14.36 10.11 -12.05
N HIS A 226 14.17 9.16 -12.97
CA HIS A 226 14.13 7.75 -12.61
C HIS A 226 15.51 7.16 -12.36
N VAL A 227 16.58 7.93 -12.57
CA VAL A 227 17.92 7.44 -12.28
C VAL A 227 18.18 7.46 -10.77
N ARG A 228 17.78 8.53 -10.09
CA ARG A 228 17.91 8.57 -8.63
C ARG A 228 16.91 7.65 -7.97
N ILE A 229 15.73 7.46 -8.57
CA ILE A 229 14.72 6.57 -8.00
C ILE A 229 15.24 5.14 -7.97
N GLU A 230 15.86 4.69 -9.06
CA GLU A 230 16.47 3.36 -9.07
C GLU A 230 17.65 3.27 -8.12
N ALA A 231 18.38 4.38 -7.93
CA ALA A 231 19.48 4.39 -6.98
C ALA A 231 18.98 4.21 -5.55
N LEU A 232 17.83 4.81 -5.23
CA LEU A 232 17.28 4.67 -3.88
C LEU A 232 16.64 3.31 -3.68
N GLN A 233 16.02 2.76 -4.72
CA GLN A 233 15.37 1.45 -4.58
C GLN A 233 16.39 0.34 -4.43
N ASP A 234 17.46 0.38 -5.23
CA ASP A 234 18.49 -0.66 -5.13
C ASP A 234 19.24 -0.57 -3.80
N ARG A 235 19.44 0.65 -3.28
CA ARG A 235 20.01 0.77 -1.94
C ARG A 235 19.05 0.26 -0.88
N LEU A 236 17.74 0.36 -1.14
CA LEU A 236 16.77 -0.24 -0.24
C LEU A 236 16.70 -1.76 -0.42
N CYS A 237 16.99 -2.24 -1.62
CA CYS A 237 16.98 -3.68 -1.86
C CYS A 237 18.17 -4.36 -1.20
N ASP A 238 19.33 -3.69 -1.17
CA ASP A 238 20.50 -4.28 -0.54
C ASP A 238 20.32 -4.41 0.97
N VAL A 239 19.59 -3.48 1.59
CA VAL A 239 19.31 -3.59 3.01
C VAL A 239 18.42 -4.81 3.29
N LEU A 240 17.41 -5.03 2.45
CA LEU A 240 16.54 -6.19 2.63
C LEU A 240 17.28 -7.49 2.32
N GLN A 241 18.05 -7.51 1.23
CA GLN A 241 18.76 -8.72 0.85
C GLN A 241 19.77 -9.14 1.90
N ALA A 242 20.35 -8.18 2.62
CA ALA A 242 21.32 -8.51 3.65
C ALA A 242 20.65 -8.87 4.97
N TYR A 243 19.54 -8.20 5.31
CA TYR A 243 18.86 -8.48 6.57
C TYR A 243 18.37 -9.91 6.62
N ILE A 244 17.87 -10.43 5.49
CA ILE A 244 17.38 -11.81 5.47
C ILE A 244 18.53 -12.79 5.67
N ARG A 245 19.73 -12.45 5.18
CA ARG A 245 20.87 -13.35 5.32
C ARG A 245 21.39 -13.41 6.75
N ILE A 246 21.14 -12.39 7.56
CA ILE A 246 21.70 -12.28 8.90
C ILE A 246 20.68 -12.66 9.96
N GLN A 247 19.52 -12.00 9.95
CA GLN A 247 18.58 -12.08 11.06
C GLN A 247 17.39 -13.00 10.81
N HIS A 248 17.26 -13.56 9.61
CA HIS A 248 16.12 -14.42 9.29
C HIS A 248 16.60 -15.84 9.00
N PRO A 249 16.50 -16.75 9.96
CA PRO A 249 16.86 -18.15 9.68
C PRO A 249 15.84 -18.79 8.75
N GLY A 250 16.34 -19.64 7.85
CA GLY A 250 15.48 -20.29 6.89
C GLY A 250 14.97 -19.40 5.78
N GLY A 251 15.66 -18.29 5.51
CA GLY A 251 15.24 -17.38 4.46
C GLY A 251 16.20 -17.32 3.29
N ARG A 252 16.80 -18.47 2.95
CA ARG A 252 17.73 -18.52 1.83
C ARG A 252 17.04 -18.22 0.50
N LEU A 253 15.72 -18.39 0.43
CA LEU A 253 14.96 -18.10 -0.79
C LEU A 253 13.93 -17.00 -0.57
N LEU A 254 14.01 -16.26 0.53
CA LEU A 254 12.95 -15.31 0.87
C LEU A 254 12.99 -14.07 -0.02
N TYR A 255 14.19 -13.59 -0.36
CA TYR A 255 14.28 -12.36 -1.14
C TYR A 255 13.63 -12.51 -2.50
N ALA A 256 13.82 -13.65 -3.15
CA ALA A 256 13.18 -13.87 -4.45
C ALA A 256 11.67 -13.95 -4.34
N LYS A 257 11.15 -14.48 -3.23
CA LYS A 257 9.71 -14.54 -3.05
C LYS A 257 9.10 -13.16 -2.82
N MET A 258 9.84 -12.26 -2.16
CA MET A 258 9.33 -10.92 -1.94
C MET A 258 9.35 -10.09 -3.22
N ILE A 259 10.40 -10.24 -4.02
CA ILE A 259 10.45 -9.57 -5.32
C ILE A 259 9.35 -10.10 -6.23
N GLN A 260 9.03 -11.39 -6.13
CA GLN A 260 7.94 -11.95 -6.92
C GLN A 260 6.60 -11.32 -6.54
N LYS A 261 6.42 -10.99 -5.26
CA LYS A 261 5.19 -10.35 -4.82
C LYS A 261 5.03 -8.95 -5.39
N LEU A 262 6.12 -8.28 -5.75
CA LEU A 262 6.01 -6.97 -6.37
C LEU A 262 5.37 -7.05 -7.75
N ALA A 263 5.77 -8.05 -8.54
CA ALA A 263 5.17 -8.23 -9.86
C ALA A 263 3.71 -8.65 -9.75
N ASP A 264 3.35 -9.34 -8.66
CA ASP A 264 1.95 -9.69 -8.45
C ASP A 264 1.11 -8.45 -8.13
N LEU A 265 1.70 -7.48 -7.43
CA LEU A 265 0.97 -6.24 -7.14
C LEU A 265 0.71 -5.43 -8.41
N ARG A 266 1.58 -5.56 -9.42
CA ARG A 266 1.36 -4.83 -10.67
C ARG A 266 0.11 -5.34 -11.38
N SER A 267 -0.14 -6.65 -11.33
CA SER A 267 -1.37 -7.20 -11.92
C SER A 267 -2.58 -6.80 -11.11
N LEU A 268 -2.46 -6.77 -9.78
CA LEU A 268 -3.55 -6.29 -8.94
C LEU A 268 -3.79 -4.80 -9.15
N ASN A 269 -2.73 -4.04 -9.39
CA ASN A 269 -2.88 -2.61 -9.67
C ASN A 269 -3.59 -2.39 -11.00
N GLU A 270 -3.27 -3.21 -12.00
CA GLU A 270 -3.88 -3.04 -13.32
C GLU A 270 -5.37 -3.39 -13.28
N GLU A 271 -5.72 -4.52 -12.65
CA GLU A 271 -7.11 -4.91 -12.56
C GLU A 271 -7.91 -3.95 -11.70
N HIS A 272 -7.29 -3.38 -10.67
CA HIS A 272 -7.98 -2.40 -9.84
C HIS A 272 -8.27 -1.12 -10.62
N SER A 273 -7.34 -0.69 -11.46
CA SER A 273 -7.52 0.55 -12.21
C SER A 273 -8.59 0.40 -13.29
N LYS A 274 -8.82 -0.82 -13.78
CA LYS A 274 -9.85 -1.00 -14.79
C LYS A 274 -11.24 -0.92 -14.17
N GLN A 275 -11.43 -1.49 -12.98
CA GLN A 275 -12.74 -1.45 -12.34
C GLN A 275 -13.02 -0.07 -11.75
N TYR A 276 -11.98 0.61 -11.26
CA TYR A 276 -12.17 1.98 -10.78
C TYR A 276 -12.50 2.93 -11.92
N ARG A 277 -11.85 2.74 -13.08
CA ARG A 277 -12.13 3.59 -14.23
C ARG A 277 -13.59 3.46 -14.67
N SER A 278 -14.13 2.24 -14.61
CA SER A 278 -15.53 2.04 -14.94
C SER A 278 -16.46 2.74 -13.95
N LEU A 279 -16.05 2.84 -12.69
CA LEU A 279 -16.87 3.56 -11.71
C LEU A 279 -16.74 5.06 -11.88
N SER A 280 -15.53 5.54 -12.13
CA SER A 280 -15.28 6.99 -12.17
C SER A 280 -16.11 7.70 -13.23
N PHE A 281 -16.54 7.00 -14.28
CA PHE A 281 -17.35 7.64 -15.31
C PHE A 281 -18.81 7.77 -14.92
N GLN A 282 -19.28 6.98 -13.96
CA GLN A 282 -20.65 7.07 -13.49
C GLN A 282 -20.71 8.02 -12.30
N PRO A 283 -21.30 9.21 -12.43
CA PRO A 283 -21.22 10.19 -11.34
C PRO A 283 -22.00 9.81 -10.10
N GLU A 284 -23.09 9.03 -10.24
CA GLU A 284 -23.87 8.64 -9.08
C GLU A 284 -23.10 7.73 -8.14
N HIS A 285 -22.01 7.13 -8.61
CA HIS A 285 -21.14 6.31 -7.77
C HIS A 285 -19.87 7.04 -7.34
N SER A 286 -19.25 7.80 -8.25
CA SER A 286 -18.04 8.52 -7.91
C SER A 286 -18.29 9.65 -6.91
N MET A 287 -19.55 10.09 -6.77
CA MET A 287 -19.86 11.12 -5.77
C MET A 287 -19.71 10.60 -4.35
N GLN A 288 -19.79 9.28 -4.16
CA GLN A 288 -19.59 8.68 -2.84
C GLN A 288 -18.12 8.56 -2.46
N LEU A 289 -17.21 8.89 -3.37
CA LEU A 289 -15.78 8.86 -3.08
C LEU A 289 -15.37 10.10 -2.31
N THR A 290 -14.09 10.16 -1.95
CA THR A 290 -13.54 11.31 -1.25
C THR A 290 -12.66 12.15 -2.19
N PRO A 291 -12.48 13.43 -1.92
CA PRO A 291 -11.64 14.25 -2.80
C PRO A 291 -10.20 13.75 -2.91
N LEU A 292 -9.69 13.08 -1.87
CA LEU A 292 -8.33 12.55 -1.94
C LEU A 292 -8.25 11.31 -2.82
N VAL A 293 -9.24 10.43 -2.73
CA VAL A 293 -9.26 9.24 -3.57
C VAL A 293 -9.40 9.62 -5.04
N LEU A 294 -10.26 10.59 -5.33
CA LEU A 294 -10.42 11.05 -6.71
C LEU A 294 -9.14 11.67 -7.24
N GLU A 295 -8.33 12.25 -6.37
CA GLU A 295 -7.10 12.90 -6.81
C GLU A 295 -5.98 11.89 -7.02
N VAL A 296 -5.85 10.91 -6.12
CA VAL A 296 -4.79 9.92 -6.22
C VAL A 296 -5.09 8.91 -7.33
N PHE A 297 -6.32 8.43 -7.39
CA PHE A 297 -6.72 7.45 -8.40
C PHE A 297 -7.17 8.10 -9.70
N GLY A 298 -7.06 9.42 -9.81
CA GLY A 298 -7.44 10.11 -11.03
C GLY A 298 -6.35 10.09 -12.07
N SER A 299 -6.70 10.56 -13.27
CA SER A 299 -5.78 10.59 -14.39
C SER A 299 -5.21 11.98 -14.66
N GLU A 300 -5.51 12.95 -13.80
CA GLU A 300 -4.99 14.29 -13.99
C GLU A 300 -3.47 14.32 -13.78
N VAL A 301 -2.81 15.23 -14.48
CA VAL A 301 -1.36 15.33 -14.39
C VAL A 301 -0.93 16.78 -14.65
N ARG B 1 -3.08 21.17 -10.65
CA ARG B 1 -3.61 19.86 -10.31
C ARG B 1 -2.92 19.30 -9.06
N HIS B 2 -3.56 18.30 -8.45
CA HIS B 2 -3.05 17.64 -7.25
C HIS B 2 -2.84 18.65 -6.12
N LYS B 3 -3.88 19.44 -5.85
CA LYS B 3 -3.78 20.47 -4.81
C LYS B 3 -3.69 19.86 -3.42
N ILE B 4 -4.33 18.70 -3.20
CA ILE B 4 -4.30 18.07 -1.88
C ILE B 4 -2.98 17.35 -1.66
N LEU B 5 -2.47 16.68 -2.68
CA LEU B 5 -1.21 15.96 -2.55
C LEU B 5 -0.06 16.92 -2.23
N HIS B 6 -0.03 18.07 -2.92
CA HIS B 6 0.99 19.09 -2.62
C HIS B 6 0.91 19.52 -1.15
N ARG B 7 -0.30 19.70 -0.64
CA ARG B 7 -0.46 20.13 0.75
C ARG B 7 -0.14 19.00 1.72
N LEU B 8 -0.55 17.77 1.38
CA LEU B 8 -0.28 16.64 2.26
C LEU B 8 1.21 16.33 2.34
N LEU B 9 1.97 16.62 1.28
CA LEU B 9 3.43 16.59 1.34
C LEU B 9 4.00 17.82 2.05
N GLN B 10 3.38 18.22 3.16
CA GLN B 10 3.67 19.46 3.87
C GLN B 10 3.54 20.68 2.97
O3 M9Q C . -5.14 -3.19 7.50
C4 M9Q C . -12.90 1.20 -3.23
C5 M9Q C . -11.66 2.06 -3.14
O4 M9Q C . -4.68 0.61 5.75
C6 M9Q C . -11.86 3.49 -3.61
C7 M9Q C . -11.76 3.21 -2.14
C8 M9Q C . -10.37 1.26 -3.53
C9 M9Q C . -10.52 -0.09 -2.91
C10 M9Q C . -9.86 -1.23 -2.82
C11 M9Q C . -10.37 -2.48 -2.17
C12 M9Q C . -10.84 -3.51 -3.19
C13 M9Q C . -9.36 -3.06 -1.16
C14 M9Q C . -8.08 -2.22 -1.02
C15 M9Q C . -7.42 -2.75 0.28
O1 M9Q C . -12.44 1.71 -6.09
C2 M9Q C . -13.40 1.11 -5.66
O M9Q C . -14.34 0.60 -6.46
C1 M9Q C . -14.11 0.75 -7.89
C M9Q C . -14.95 -0.23 -8.63
C3 M9Q C . -13.66 0.81 -4.24
O2 M9Q C . -10.35 1.03 -4.94
C30 M9Q C . -9.80 -3.26 0.31
C31 M9Q C . -10.23 -1.92 0.93
C16 M9Q C . -8.44 -3.72 0.91
C29 M9Q C . -10.83 -4.36 0.62
C28 M9Q C . -11.04 -4.54 2.11
C27 M9Q C . -9.71 -4.79 2.81
C17 M9Q C . -8.64 -3.81 2.41
C18 M9Q C . -7.88 -3.02 3.19
C19 M9Q C . -7.85 -2.97 4.62
C20 M9Q C . -7.13 -2.17 5.47
C25 M9Q C . -6.21 -1.09 5.08
C26 M9Q C . -6.32 -0.41 3.96
C24 M9Q C . -5.11 -0.72 6.05
C23 M9Q C . -5.54 -0.82 7.49
C22 M9Q C . -6.11 -2.19 7.78
C21 M9Q C . -7.36 -2.41 6.94
#